data_1BMQ
#
_entry.id   1BMQ
#
_cell.length_a   64.700
_cell.length_b   64.700
_cell.length_c   161.400
_cell.angle_alpha   90.00
_cell.angle_beta   90.00
_cell.angle_gamma   90.00
#
_symmetry.space_group_name_H-M   'P 43 21 2'
#
loop_
_entity.id
_entity.type
_entity.pdbx_description
1 polymer 'PROTEIN (INTERLEUKIN-1 BETA CONVERTASE)'
2 polymer 'PROTEIN (INTERLEUKIN-1 BETA CONVERTASE)'
3 non-polymer (3S)-N-METHANESULFONYL-3-({1-[N-(2-NAPHTOYL)-L-VALYL]-L-PROLYL}AMINO)-4-OXOBUTANAMIDE
#
loop_
_entity_poly.entity_id
_entity_poly.type
_entity_poly.pdbx_seq_one_letter_code
_entity_poly.pdbx_strand_id
1 'polypeptide(L)'
;GNVKLCSLEEAQRIWKQKSAEIYPIMDKSSRTRLALIICNEEFDSIPRRTGAEVDITGMTMLLQNLGYSVDVKKNLTASD
MTTELEAFAHRPEHKTSDSTFLVFMSHGIREGICGKKHSEQVPDILQLNAIFNMLNTKNCPSLKDKPKVIIIQACRGDSP
GVVWFKD
;
A
2 'polypeptide(L)'
;AIKKAHIEKDFIAFCSSTPDNVSWRHPTMGSVFIGRLIEHMQEYACSCDVEEIFRKVRFSFEQPDGRAQMPTTERVTLTR
CFYLFPGH
;
B
#
loop_
_chem_comp.id
_chem_comp.type
_chem_comp.name
_chem_comp.formula
MNO non-polymer (3S)-N-METHANESULFONYL-3-({1-[N-(2-NAPHTOYL)-L-VALYL]-L-PROLYL}AMINO)-4-OXOBUTANAMIDE 'C26 H32 N4 O7 S'
#
# COMPACT_ATOMS: atom_id res chain seq x y z
N GLY A 1 18.72 3.22 -1.86
CA GLY A 1 19.52 4.48 -1.92
C GLY A 1 19.14 5.45 -0.82
N ASN A 2 18.17 6.31 -1.11
CA ASN A 2 17.69 7.29 -0.14
C ASN A 2 17.20 6.58 1.12
N VAL A 3 16.79 5.34 0.96
CA VAL A 3 16.32 4.54 2.08
C VAL A 3 17.48 4.22 3.00
N LYS A 4 17.38 4.65 4.26
CA LYS A 4 18.43 4.39 5.24
C LYS A 4 18.64 2.88 5.29
N LEU A 5 19.87 2.44 5.01
CA LEU A 5 20.18 1.02 5.01
C LEU A 5 20.25 0.43 6.41
N CYS A 6 20.16 -0.89 6.49
CA CYS A 6 20.22 -1.60 7.75
C CYS A 6 21.56 -2.32 7.85
N SER A 7 22.41 -1.89 8.79
CA SER A 7 23.71 -2.50 8.97
C SER A 7 23.58 -3.98 9.31
N LEU A 8 24.64 -4.74 9.10
CA LEU A 8 24.62 -6.17 9.40
C LEU A 8 24.43 -6.37 10.89
N GLU A 9 25.00 -5.46 11.69
CA GLU A 9 24.88 -5.55 13.13
C GLU A 9 23.40 -5.53 13.50
N GLU A 10 22.71 -4.48 13.06
CA GLU A 10 21.28 -4.31 13.33
C GLU A 10 20.48 -5.46 12.70
N ALA A 11 20.77 -5.77 11.45
CA ALA A 11 20.08 -6.85 10.75
C ALA A 11 20.20 -8.12 11.57
N GLN A 12 21.35 -8.31 12.21
CA GLN A 12 21.60 -9.49 13.02
C GLN A 12 20.87 -9.43 14.36
N ARG A 13 20.96 -8.28 15.03
CA ARG A 13 20.31 -8.09 16.31
C ARG A 13 18.79 -8.21 16.20
N ILE A 14 18.20 -7.45 15.27
CA ILE A 14 16.76 -7.48 15.05
C ILE A 14 16.31 -8.92 14.90
N TRP A 15 16.99 -9.65 14.01
CA TRP A 15 16.67 -11.04 13.77
C TRP A 15 17.07 -11.87 14.98
N LYS A 16 17.99 -11.33 15.78
CA LYS A 16 18.46 -12.02 16.97
C LYS A 16 17.39 -12.02 18.05
N GLN A 17 16.59 -10.96 18.08
CA GLN A 17 15.53 -10.84 19.07
C GLN A 17 14.22 -11.46 18.59
N LYS A 18 13.74 -11.01 17.43
CA LYS A 18 12.46 -11.47 16.87
C LYS A 18 12.46 -12.76 16.05
N SER A 19 13.64 -13.25 15.71
CA SER A 19 13.83 -14.47 14.91
C SER A 19 12.62 -15.33 14.51
N ALA A 20 11.87 -15.84 15.50
CA ALA A 20 10.72 -16.70 15.23
C ALA A 20 9.40 -16.00 14.96
N GLU A 21 9.32 -14.71 15.30
CA GLU A 21 8.11 -13.94 15.08
C GLU A 21 8.31 -12.89 14.01
N ILE A 22 9.15 -13.21 13.03
CA ILE A 22 9.45 -12.31 11.92
C ILE A 22 9.38 -13.10 10.62
N TYR A 23 8.93 -12.45 9.55
CA TYR A 23 8.82 -13.07 8.23
C TYR A 23 10.21 -13.28 7.62
N PRO A 24 10.48 -14.50 7.14
CA PRO A 24 11.80 -14.77 6.54
C PRO A 24 11.87 -14.17 5.15
N ILE A 25 12.89 -13.36 4.90
CA ILE A 25 13.05 -12.74 3.60
C ILE A 25 14.01 -13.56 2.74
N MET A 26 13.68 -13.69 1.46
CA MET A 26 14.49 -14.44 0.53
C MET A 26 15.86 -13.83 0.36
N ASP A 27 16.77 -14.60 -0.25
CA ASP A 27 18.14 -14.14 -0.48
C ASP A 27 18.16 -12.98 -1.47
N LYS A 28 18.97 -11.98 -1.16
CA LYS A 28 19.10 -10.79 -1.99
C LYS A 28 19.55 -11.09 -3.42
N SER A 29 20.18 -12.23 -3.62
CA SER A 29 20.68 -12.59 -4.95
C SER A 29 19.73 -13.42 -5.82
N SER A 30 18.75 -14.08 -5.20
CA SER A 30 17.83 -14.90 -5.97
C SER A 30 16.39 -14.39 -6.06
N ARG A 31 15.88 -13.83 -4.97
CA ARG A 31 14.51 -13.31 -4.94
C ARG A 31 14.18 -12.31 -6.03
N THR A 32 12.95 -12.38 -6.54
CA THR A 32 12.47 -11.47 -7.58
C THR A 32 11.20 -10.80 -7.04
N ARG A 33 11.38 -9.65 -6.40
CA ARG A 33 10.24 -8.93 -5.81
C ARG A 33 9.44 -8.15 -6.82
N LEU A 34 8.12 -8.21 -6.68
CA LEU A 34 7.21 -7.51 -7.58
C LEU A 34 6.29 -6.55 -6.84
N ALA A 35 6.09 -5.37 -7.43
CA ALA A 35 5.22 -4.36 -6.85
C ALA A 35 4.35 -3.78 -7.97
N LEU A 36 3.08 -3.52 -7.67
CA LEU A 36 2.16 -2.97 -8.65
C LEU A 36 1.62 -1.63 -8.18
N ILE A 37 1.64 -0.65 -9.09
CA ILE A 37 1.16 0.69 -8.79
C ILE A 37 0.11 1.11 -9.81
N ILE A 38 -1.14 1.18 -9.37
CA ILE A 38 -2.24 1.59 -10.24
C ILE A 38 -2.72 2.96 -9.76
N CYS A 39 -2.52 3.99 -10.59
CA CYS A 39 -2.93 5.34 -10.22
C CYS A 39 -3.61 6.05 -11.38
N ASN A 40 -4.86 6.47 -11.17
CA ASN A 40 -5.61 7.18 -12.20
C ASN A 40 -5.47 8.68 -12.03
N GLU A 41 -4.93 9.35 -13.05
CA GLU A 41 -4.73 10.80 -13.02
C GLU A 41 -5.86 11.52 -13.77
N GLU A 42 -6.21 11.00 -14.93
CA GLU A 42 -7.28 11.61 -15.72
C GLU A 42 -8.56 10.79 -15.66
N PHE A 43 -9.70 11.50 -15.59
CA PHE A 43 -11.00 10.86 -15.51
C PHE A 43 -11.98 11.40 -16.53
N ASP A 44 -12.91 10.54 -16.96
CA ASP A 44 -13.91 10.93 -17.94
C ASP A 44 -14.85 12.00 -17.39
N SER A 45 -15.13 11.93 -16.09
CA SER A 45 -16.03 12.90 -15.46
C SER A 45 -15.38 13.69 -14.32
N ILE A 46 -14.93 12.99 -13.28
CA ILE A 46 -14.31 13.64 -12.12
C ILE A 46 -13.09 14.47 -12.51
N PRO A 47 -12.83 15.56 -11.76
CA PRO A 47 -11.67 16.42 -12.05
C PRO A 47 -10.35 15.65 -11.96
N ARG A 48 -9.46 15.91 -12.90
CA ARG A 48 -8.16 15.24 -12.95
C ARG A 48 -7.39 15.39 -11.64
N ARG A 49 -6.75 14.30 -11.21
CA ARG A 49 -5.98 14.32 -9.98
C ARG A 49 -4.63 14.98 -10.25
N THR A 50 -4.67 16.28 -10.50
CA THR A 50 -3.48 17.06 -10.77
C THR A 50 -2.44 16.86 -9.68
N GLY A 51 -1.23 16.48 -10.07
CA GLY A 51 -0.15 16.28 -9.10
C GLY A 51 0.11 14.82 -8.79
N ALA A 52 -0.59 13.93 -9.49
CA ALA A 52 -0.42 12.50 -9.28
C ALA A 52 0.96 12.03 -9.74
N GLU A 53 1.50 12.68 -10.76
CA GLU A 53 2.80 12.32 -11.30
C GLU A 53 3.88 12.32 -10.22
N VAL A 54 3.81 13.27 -9.30
CA VAL A 54 4.79 13.37 -8.23
C VAL A 54 4.69 12.23 -7.23
N ASP A 55 3.53 11.57 -7.19
CA ASP A 55 3.32 10.45 -6.29
C ASP A 55 3.84 9.17 -6.94
N ILE A 56 3.59 9.06 -8.25
CA ILE A 56 4.03 7.92 -9.03
C ILE A 56 5.55 7.87 -8.97
N THR A 57 6.18 9.02 -9.18
CA THR A 57 7.63 9.14 -9.14
C THR A 57 8.14 8.83 -7.74
N GLY A 58 7.33 9.18 -6.74
CA GLY A 58 7.72 8.94 -5.35
C GLY A 58 7.72 7.48 -4.96
N MET A 59 6.55 6.85 -5.08
CA MET A 59 6.40 5.45 -4.71
C MET A 59 7.34 4.55 -5.52
N THR A 60 7.17 4.55 -6.84
CA THR A 60 7.98 3.74 -7.74
C THR A 60 9.44 3.72 -7.29
N MET A 61 10.03 4.91 -7.18
CA MET A 61 11.42 5.04 -6.77
C MET A 61 11.68 4.44 -5.39
N LEU A 62 10.76 4.67 -4.45
CA LEU A 62 10.91 4.15 -3.10
C LEU A 62 10.86 2.63 -3.09
N LEU A 63 9.77 2.08 -3.64
CA LEU A 63 9.61 0.64 -3.68
C LEU A 63 10.77 -0.01 -4.40
N GLN A 64 11.22 0.60 -5.50
CA GLN A 64 12.33 0.08 -6.28
C GLN A 64 13.59 0.13 -5.44
N ASN A 65 13.62 1.05 -4.48
CA ASN A 65 14.76 1.20 -3.59
C ASN A 65 14.70 0.19 -2.46
N LEU A 66 13.50 -0.35 -2.23
CA LEU A 66 13.31 -1.35 -1.19
C LEU A 66 13.57 -2.72 -1.80
N GLY A 67 14.03 -2.70 -3.05
CA GLY A 67 14.35 -3.94 -3.77
C GLY A 67 13.17 -4.57 -4.48
N TYR A 68 12.24 -3.75 -4.95
CA TYR A 68 11.07 -4.26 -5.65
C TYR A 68 11.07 -3.89 -7.11
N SER A 69 10.30 -4.64 -7.90
CA SER A 69 10.15 -4.39 -9.33
C SER A 69 8.80 -3.70 -9.49
N VAL A 70 8.83 -2.44 -9.88
CA VAL A 70 7.60 -1.66 -10.01
C VAL A 70 7.04 -1.57 -11.42
N ASP A 71 5.81 -2.09 -11.57
CA ASP A 71 5.12 -2.07 -12.85
C ASP A 71 3.99 -1.04 -12.72
N VAL A 72 4.20 0.15 -13.26
CA VAL A 72 3.20 1.22 -13.17
C VAL A 72 2.08 1.14 -14.20
N LYS A 73 0.84 1.28 -13.74
CA LYS A 73 -0.35 1.25 -14.60
C LYS A 73 -1.14 2.53 -14.36
N LYS A 74 -1.73 3.08 -15.41
CA LYS A 74 -2.48 4.34 -15.27
C LYS A 74 -3.88 4.38 -15.88
N ASN A 75 -4.67 5.33 -15.39
CA ASN A 75 -6.03 5.58 -15.84
C ASN A 75 -6.86 4.35 -16.20
N LEU A 76 -7.02 3.43 -15.25
CA LEU A 76 -7.79 2.23 -15.50
C LEU A 76 -9.20 2.38 -14.95
N THR A 77 -10.06 1.42 -15.29
CA THR A 77 -11.44 1.42 -14.82
C THR A 77 -11.67 0.18 -13.95
N ALA A 78 -12.81 0.14 -13.28
CA ALA A 78 -13.13 -0.99 -12.41
C ALA A 78 -12.72 -2.32 -13.03
N SER A 79 -13.19 -2.57 -14.25
CA SER A 79 -12.86 -3.80 -14.95
C SER A 79 -11.37 -3.89 -15.24
N ASP A 80 -10.88 -2.94 -16.03
CA ASP A 80 -9.47 -2.90 -16.39
C ASP A 80 -8.57 -3.20 -15.21
N MET A 81 -8.98 -2.75 -14.03
CA MET A 81 -8.20 -2.96 -12.81
C MET A 81 -8.36 -4.38 -12.31
N THR A 82 -9.59 -4.85 -12.27
CA THR A 82 -9.87 -6.20 -11.82
C THR A 82 -9.30 -7.25 -12.77
N THR A 83 -8.82 -6.79 -13.92
CA THR A 83 -8.22 -7.68 -14.92
C THR A 83 -6.70 -7.59 -14.75
N GLU A 84 -6.24 -6.39 -14.42
CA GLU A 84 -4.82 -6.12 -14.23
C GLU A 84 -4.35 -6.74 -12.92
N LEU A 85 -5.26 -6.89 -11.97
CA LEU A 85 -4.96 -7.46 -10.67
C LEU A 85 -4.81 -8.97 -10.76
N GLU A 86 -5.59 -9.60 -11.62
CA GLU A 86 -5.55 -11.04 -11.79
C GLU A 86 -4.27 -11.48 -12.50
N ALA A 87 -3.83 -10.69 -13.47
CA ALA A 87 -2.62 -10.98 -14.21
C ALA A 87 -1.40 -10.84 -13.32
N PHE A 88 -1.59 -10.16 -12.19
CA PHE A 88 -0.52 -9.92 -11.23
C PHE A 88 -0.38 -11.11 -10.28
N ALA A 89 -1.52 -11.62 -9.81
CA ALA A 89 -1.53 -12.75 -8.91
C ALA A 89 -0.96 -13.94 -9.63
N HIS A 90 -0.91 -13.84 -10.96
CA HIS A 90 -0.40 -14.91 -11.79
C HIS A 90 1.10 -14.84 -12.05
N ARG A 91 1.65 -13.63 -12.03
CA ARG A 91 3.08 -13.44 -12.25
C ARG A 91 3.89 -14.59 -11.63
N PRO A 92 4.83 -15.15 -12.41
CA PRO A 92 5.67 -16.25 -11.93
C PRO A 92 6.71 -15.82 -10.92
N GLU A 93 7.10 -14.56 -10.97
CA GLU A 93 8.10 -14.02 -10.06
C GLU A 93 7.73 -14.13 -8.57
N HIS A 94 6.44 -14.17 -8.28
CA HIS A 94 5.99 -14.28 -6.89
C HIS A 94 6.58 -15.53 -6.24
N LYS A 95 6.54 -16.64 -6.97
CA LYS A 95 7.04 -17.92 -6.50
C LYS A 95 8.43 -17.75 -5.90
N THR A 96 9.24 -16.93 -6.53
CA THR A 96 10.60 -16.71 -6.06
C THR A 96 10.73 -15.31 -5.44
N SER A 97 9.68 -14.91 -4.71
CA SER A 97 9.65 -13.61 -4.04
C SER A 97 9.24 -13.83 -2.59
N ASP A 98 9.55 -12.87 -1.73
CA ASP A 98 9.21 -12.99 -0.31
C ASP A 98 8.03 -12.13 0.12
N SER A 99 7.55 -11.28 -0.78
CA SER A 99 6.42 -10.41 -0.49
C SER A 99 6.02 -9.63 -1.73
N THR A 100 5.10 -8.69 -1.55
CA THR A 100 4.63 -7.85 -2.64
C THR A 100 3.99 -6.57 -2.11
N PHE A 101 4.05 -5.51 -2.91
CA PHE A 101 3.49 -4.22 -2.54
C PHE A 101 2.48 -3.81 -3.58
N LEU A 102 1.25 -3.56 -3.15
CA LEU A 102 0.20 -3.11 -4.04
C LEU A 102 0.01 -1.62 -3.72
N VAL A 103 -0.31 -0.81 -4.72
CA VAL A 103 -0.47 0.61 -4.47
C VAL A 103 -1.54 1.22 -5.37
N PHE A 104 -2.64 1.65 -4.76
CA PHE A 104 -3.74 2.27 -5.51
C PHE A 104 -3.77 3.76 -5.21
N MET A 105 -3.91 4.57 -6.25
CA MET A 105 -3.95 6.01 -6.11
C MET A 105 -5.03 6.59 -7.04
N SER A 106 -6.12 7.04 -6.47
CA SER A 106 -7.21 7.60 -7.28
C SER A 106 -8.31 8.22 -6.42
N HIS A 107 -9.32 8.79 -7.08
CA HIS A 107 -10.44 9.38 -6.38
C HIS A 107 -11.14 8.19 -5.73
N GLY A 108 -12.07 8.44 -4.83
CA GLY A 108 -12.76 7.34 -4.20
C GLY A 108 -14.04 7.72 -3.47
N ILE A 109 -14.85 6.72 -3.14
CA ILE A 109 -16.08 6.93 -2.42
C ILE A 109 -16.07 5.97 -1.25
N ARG A 110 -17.05 6.08 -0.38
CA ARG A 110 -17.15 5.22 0.79
C ARG A 110 -17.01 3.75 0.38
N GLU A 111 -17.55 3.42 -0.78
CA GLU A 111 -17.51 2.05 -1.29
C GLU A 111 -16.15 1.57 -1.78
N GLY A 112 -15.39 2.45 -2.44
CA GLY A 112 -14.08 2.04 -2.91
C GLY A 112 -13.43 2.94 -3.95
N ILE A 113 -12.27 2.49 -4.44
CA ILE A 113 -11.50 3.22 -5.44
C ILE A 113 -12.34 3.52 -6.68
N CYS A 114 -12.07 4.65 -7.33
CA CYS A 114 -12.83 5.04 -8.52
C CYS A 114 -12.05 4.85 -9.82
N GLY A 115 -12.62 4.08 -10.74
CA GLY A 115 -11.99 3.88 -12.03
C GLY A 115 -12.07 5.18 -12.79
N LYS A 116 -11.33 5.29 -13.89
CA LYS A 116 -11.32 6.53 -14.68
C LYS A 116 -12.66 6.89 -15.34
N LYS A 117 -13.57 5.93 -15.42
CA LYS A 117 -14.86 6.15 -16.06
C LYS A 117 -16.01 6.32 -15.06
N HIS A 118 -15.68 6.46 -13.78
CA HIS A 118 -16.69 6.60 -12.75
C HIS A 118 -17.51 7.89 -12.89
N SER A 119 -18.76 7.82 -12.47
CA SER A 119 -19.67 8.98 -12.55
C SER A 119 -20.88 8.71 -11.67
N GLU A 120 -21.63 9.76 -11.35
CA GLU A 120 -22.82 9.62 -10.51
C GLU A 120 -23.85 8.74 -11.21
N GLN A 121 -24.05 9.00 -12.50
CA GLN A 121 -25.01 8.24 -13.30
C GLN A 121 -24.53 6.81 -13.48
N VAL A 122 -23.25 6.65 -13.84
CA VAL A 122 -22.68 5.33 -14.05
C VAL A 122 -21.41 5.11 -13.22
N PRO A 123 -21.55 4.42 -12.08
CA PRO A 123 -20.45 4.12 -11.18
C PRO A 123 -19.39 3.19 -11.78
N ASP A 124 -18.16 3.36 -11.30
CA ASP A 124 -17.02 2.58 -11.75
C ASP A 124 -16.03 2.50 -10.59
N ILE A 125 -16.39 1.74 -9.56
CA ILE A 125 -15.54 1.60 -8.38
C ILE A 125 -15.05 0.18 -8.16
N LEU A 126 -13.97 0.03 -7.39
CA LEU A 126 -13.40 -1.27 -7.07
C LEU A 126 -13.40 -1.49 -5.56
N GLN A 127 -14.38 -2.23 -5.06
CA GLN A 127 -14.47 -2.50 -3.63
C GLN A 127 -13.13 -3.00 -3.11
N LEU A 128 -12.84 -2.69 -1.86
CA LEU A 128 -11.59 -3.12 -1.24
C LEU A 128 -11.60 -4.63 -1.05
N ASN A 129 -12.77 -5.16 -0.68
CA ASN A 129 -12.89 -6.60 -0.45
C ASN A 129 -12.46 -7.40 -1.68
N ALA A 130 -12.63 -6.81 -2.86
CA ALA A 130 -12.27 -7.47 -4.11
C ALA A 130 -10.77 -7.63 -4.26
N ILE A 131 -10.04 -6.58 -3.95
CA ILE A 131 -8.58 -6.57 -4.03
C ILE A 131 -7.99 -7.66 -3.15
N PHE A 132 -8.65 -7.93 -2.02
CA PHE A 132 -8.19 -8.94 -1.08
C PHE A 132 -8.55 -10.32 -1.60
N ASN A 133 -9.51 -10.36 -2.51
CA ASN A 133 -10.00 -11.60 -3.11
C ASN A 133 -9.07 -12.09 -4.21
N MET A 134 -8.62 -11.16 -5.04
CA MET A 134 -7.75 -11.48 -6.15
C MET A 134 -6.36 -11.95 -5.73
N LEU A 135 -5.97 -11.68 -4.49
CA LEU A 135 -4.64 -12.09 -4.02
C LEU A 135 -4.62 -13.00 -2.79
N ASN A 136 -5.71 -13.70 -2.52
CA ASN A 136 -5.74 -14.59 -1.36
C ASN A 136 -5.06 -15.93 -1.67
N THR A 137 -5.11 -16.84 -0.72
CA THR A 137 -4.49 -18.16 -0.89
C THR A 137 -5.25 -19.03 -1.88
N LYS A 138 -6.30 -18.49 -2.48
CA LYS A 138 -7.10 -19.25 -3.44
C LYS A 138 -6.88 -18.83 -4.88
N ASN A 139 -6.62 -17.54 -5.10
CA ASN A 139 -6.40 -17.01 -6.44
C ASN A 139 -4.97 -16.54 -6.64
N CYS A 140 -4.13 -16.84 -5.67
CA CYS A 140 -2.73 -16.45 -5.73
C CYS A 140 -1.95 -17.18 -4.65
N PRO A 141 -1.93 -18.53 -4.72
CA PRO A 141 -1.22 -19.36 -3.75
C PRO A 141 0.28 -19.18 -3.74
N SER A 142 0.79 -18.34 -4.64
CA SER A 142 2.23 -18.08 -4.71
C SER A 142 2.65 -17.10 -3.64
N LEU A 143 1.73 -16.26 -3.20
CA LEU A 143 2.03 -15.26 -2.18
C LEU A 143 1.66 -15.76 -0.78
N LYS A 144 1.12 -16.96 -0.71
CA LYS A 144 0.73 -17.56 0.56
C LYS A 144 1.87 -17.44 1.57
N ASP A 145 1.52 -17.16 2.82
CA ASP A 145 2.49 -17.04 3.90
C ASP A 145 3.52 -15.92 3.69
N LYS A 146 3.23 -15.01 2.78
CA LYS A 146 4.11 -13.88 2.50
C LYS A 146 3.36 -12.57 2.69
N PRO A 147 3.99 -11.59 3.35
CA PRO A 147 3.34 -10.28 3.59
C PRO A 147 2.91 -9.56 2.34
N LYS A 148 1.66 -9.13 2.30
CA LYS A 148 1.13 -8.40 1.15
C LYS A 148 0.61 -7.05 1.63
N VAL A 149 1.45 -6.03 1.52
CA VAL A 149 1.09 -4.68 1.94
C VAL A 149 0.31 -3.87 0.89
N ILE A 150 -0.91 -3.46 1.24
CA ILE A 150 -1.77 -2.69 0.33
C ILE A 150 -1.93 -1.24 0.78
N ILE A 151 -1.50 -0.32 -0.07
CA ILE A 151 -1.57 1.10 0.20
C ILE A 151 -2.58 1.75 -0.73
N ILE A 152 -3.46 2.57 -0.17
CA ILE A 152 -4.48 3.26 -0.98
C ILE A 152 -4.55 4.75 -0.64
N GLN A 153 -4.54 5.56 -1.69
CA GLN A 153 -4.62 7.02 -1.55
C GLN A 153 -5.87 7.49 -2.29
N ALA A 154 -6.97 7.61 -1.55
CA ALA A 154 -8.22 8.04 -2.14
C ALA A 154 -9.18 8.55 -1.07
N CYS A 155 -10.11 9.40 -1.46
CA CYS A 155 -11.10 9.95 -0.53
C CYS A 155 -12.06 8.83 -0.16
N ARG A 156 -12.41 8.73 1.11
CA ARG A 156 -13.33 7.70 1.54
C ARG A 156 -14.73 8.26 1.72
N GLY A 157 -14.92 9.48 1.24
CA GLY A 157 -16.21 10.13 1.35
C GLY A 157 -16.14 11.61 1.01
N ASP A 158 -17.02 12.39 1.63
CA ASP A 158 -17.08 13.83 1.40
C ASP A 158 -16.77 14.63 2.66
N SER A 159 -17.25 14.14 3.80
CA SER A 159 -17.04 14.82 5.07
C SER A 159 -15.58 15.15 5.34
N PRO A 160 -15.31 16.26 6.03
CA PRO A 160 -13.95 16.70 6.36
C PRO A 160 -13.34 15.83 7.47
N GLY A 161 -14.20 15.12 8.20
CA GLY A 161 -13.74 14.25 9.26
C GLY A 161 -13.33 14.94 10.55
N VAL A 162 -13.39 16.26 10.57
CA VAL A 162 -13.03 17.00 11.77
C VAL A 162 -14.27 17.45 12.51
N VAL A 163 -14.19 17.43 13.83
CA VAL A 163 -15.29 17.85 14.69
C VAL A 163 -14.79 18.93 15.65
N TRP A 164 -15.64 19.93 15.88
CA TRP A 164 -15.31 21.04 16.78
C TRP A 164 -15.39 20.64 18.23
N PHE A 165 -14.53 21.25 19.04
CA PHE A 165 -14.49 21.01 20.47
C PHE A 165 -13.73 22.19 21.10
N LYS A 166 -14.27 22.75 22.18
CA LYS A 166 -13.61 23.89 22.81
C LYS A 166 -12.72 23.49 23.98
N ASP A 167 -11.60 24.20 24.11
CA ASP A 167 -10.63 23.95 25.18
C ASP A 167 -10.69 25.06 26.23
N ALA B 1 0.52 -35.13 0.22
CA ALA B 1 -0.95 -35.05 0.46
C ALA B 1 -1.42 -33.62 0.46
N ILE B 2 -2.74 -33.42 0.38
CA ILE B 2 -3.30 -32.08 0.38
C ILE B 2 -3.40 -31.59 1.82
N LYS B 3 -3.21 -30.30 2.01
CA LYS B 3 -3.29 -29.70 3.34
C LYS B 3 -4.12 -28.44 3.25
N LYS B 4 -4.72 -28.05 4.36
CA LYS B 4 -5.53 -26.85 4.40
C LYS B 4 -4.70 -25.62 4.75
N ALA B 5 -5.01 -24.50 4.12
CA ALA B 5 -4.33 -23.25 4.35
C ALA B 5 -5.38 -22.15 4.50
N HIS B 6 -5.18 -21.25 5.47
CA HIS B 6 -6.15 -20.16 5.68
C HIS B 6 -6.35 -19.48 4.33
N ILE B 7 -7.60 -19.18 4.01
CA ILE B 7 -7.92 -18.54 2.74
C ILE B 7 -7.39 -17.10 2.69
N GLU B 8 -7.44 -16.40 3.82
CA GLU B 8 -6.96 -15.02 3.92
C GLU B 8 -5.96 -14.90 5.06
N LYS B 9 -4.76 -14.42 4.75
CA LYS B 9 -3.72 -14.25 5.75
C LYS B 9 -2.52 -13.47 5.22
N ASP B 10 -1.71 -12.95 6.14
CA ASP B 10 -0.52 -12.18 5.78
C ASP B 10 -0.83 -10.93 4.97
N PHE B 11 -1.98 -10.33 5.25
CA PHE B 11 -2.42 -9.10 4.59
C PHE B 11 -2.29 -7.90 5.53
N ILE B 12 -2.39 -6.70 4.97
CA ILE B 12 -2.30 -5.46 5.74
C ILE B 12 -2.58 -4.28 4.83
N ALA B 13 -3.73 -3.63 5.03
CA ALA B 13 -4.09 -2.48 4.21
C ALA B 13 -3.80 -1.18 4.96
N PHE B 14 -3.42 -0.14 4.24
CA PHE B 14 -3.14 1.15 4.85
C PHE B 14 -3.82 2.25 4.04
N CYS B 15 -5.00 2.67 4.48
CA CYS B 15 -5.76 3.70 3.77
C CYS B 15 -5.29 5.11 4.10
N SER B 16 -5.52 6.02 3.16
CA SER B 16 -5.13 7.42 3.29
C SER B 16 -5.96 8.21 4.30
N SER B 17 -7.12 7.67 4.65
CA SER B 17 -8.01 8.33 5.58
C SER B 17 -8.99 7.34 6.20
N THR B 18 -9.97 7.85 6.93
CA THR B 18 -10.97 7.02 7.56
C THR B 18 -12.23 7.07 6.71
N PRO B 19 -13.17 6.12 6.90
CA PRO B 19 -14.41 6.09 6.13
C PRO B 19 -15.18 7.41 6.11
N ASP B 20 -15.90 7.66 5.02
CA ASP B 20 -16.69 8.87 4.86
C ASP B 20 -15.86 10.15 4.77
N ASN B 21 -14.57 10.05 5.07
CA ASN B 21 -13.70 11.22 5.04
C ASN B 21 -12.75 11.32 3.87
N VAL B 22 -12.41 12.56 3.52
CA VAL B 22 -11.52 12.84 2.40
C VAL B 22 -10.06 12.74 2.80
N SER B 23 -9.22 12.73 1.77
CA SER B 23 -7.77 12.68 1.93
C SER B 23 -7.29 13.88 1.12
N TRP B 24 -6.19 14.49 1.55
CA TRP B 24 -5.71 15.68 0.86
C TRP B 24 -4.56 15.49 -0.12
N ARG B 25 -4.60 16.30 -1.18
CA ARG B 25 -3.59 16.25 -2.23
C ARG B 25 -3.26 17.67 -2.71
N HIS B 26 -1.98 17.92 -2.94
CA HIS B 26 -1.52 19.22 -3.40
C HIS B 26 -1.17 19.13 -4.89
N PRO B 27 -1.78 20.00 -5.72
CA PRO B 27 -1.54 20.00 -7.16
C PRO B 27 -0.07 20.16 -7.58
N THR B 28 0.81 20.43 -6.62
CA THR B 28 2.21 20.60 -6.94
C THR B 28 3.10 19.62 -6.18
N MET B 29 2.58 19.09 -5.08
CA MET B 29 3.33 18.14 -4.27
C MET B 29 2.56 16.83 -4.13
N GLY B 30 1.46 16.71 -4.87
CA GLY B 30 0.66 15.51 -4.80
C GLY B 30 0.13 15.21 -3.41
N SER B 31 -0.46 14.03 -3.25
CA SER B 31 -1.03 13.60 -1.98
C SER B 31 -0.09 13.79 -0.81
N VAL B 32 -0.68 13.97 0.38
CA VAL B 32 0.06 14.16 1.61
C VAL B 32 0.37 12.82 2.27
N PHE B 33 -0.61 11.92 2.23
CA PHE B 33 -0.45 10.61 2.83
C PHE B 33 0.76 9.91 2.20
N ILE B 34 0.86 9.97 0.87
CA ILE B 34 1.94 9.35 0.13
C ILE B 34 3.32 9.93 0.46
N GLY B 35 3.39 11.25 0.59
CA GLY B 35 4.65 11.90 0.91
C GLY B 35 5.13 11.59 2.32
N ARG B 36 4.19 11.45 3.24
CA ARG B 36 4.54 11.15 4.62
C ARG B 36 5.02 9.71 4.75
N LEU B 37 4.31 8.79 4.09
CA LEU B 37 4.66 7.37 4.15
C LEU B 37 6.06 7.16 3.59
N ILE B 38 6.37 7.88 2.53
CA ILE B 38 7.68 7.79 1.91
C ILE B 38 8.71 8.32 2.90
N GLU B 39 8.49 9.55 3.36
CA GLU B 39 9.37 10.20 4.32
C GLU B 39 9.71 9.24 5.47
N HIS B 40 8.70 8.55 5.99
CA HIS B 40 8.89 7.62 7.09
C HIS B 40 9.54 6.32 6.66
N MET B 41 9.16 5.83 5.49
CA MET B 41 9.72 4.60 4.98
C MET B 41 11.23 4.75 4.84
N GLN B 42 11.67 5.84 4.24
CA GLN B 42 13.09 6.08 4.05
C GLN B 42 13.86 6.11 5.36
N GLU B 43 13.20 6.56 6.42
CA GLU B 43 13.82 6.69 7.73
C GLU B 43 13.75 5.47 8.66
N TYR B 44 12.57 4.90 8.83
CA TYR B 44 12.41 3.76 9.72
C TYR B 44 12.35 2.38 9.09
N ALA B 45 12.51 2.29 7.77
CA ALA B 45 12.47 1.00 7.11
C ALA B 45 13.49 0.04 7.71
N CYS B 46 14.59 0.59 8.23
CA CYS B 46 15.66 -0.24 8.79
C CYS B 46 15.50 -0.77 10.22
N SER B 47 14.61 -0.19 11.02
CA SER B 47 14.45 -0.69 12.40
C SER B 47 13.03 -0.93 12.86
N CYS B 48 12.06 -0.59 12.03
CA CYS B 48 10.65 -0.79 12.38
C CYS B 48 9.95 -1.67 11.35
N ASP B 49 9.10 -2.58 11.82
CA ASP B 49 8.35 -3.43 10.91
C ASP B 49 7.30 -2.52 10.29
N VAL B 50 6.83 -2.85 9.08
CA VAL B 50 5.85 -2.01 8.41
C VAL B 50 4.67 -1.58 9.29
N GLU B 51 4.35 -2.37 10.30
CA GLU B 51 3.23 -2.05 11.19
C GLU B 51 3.55 -0.89 12.13
N GLU B 52 4.79 -0.85 12.61
CA GLU B 52 5.23 0.21 13.50
C GLU B 52 5.38 1.51 12.74
N ILE B 53 5.79 1.41 11.47
CA ILE B 53 5.97 2.59 10.63
C ILE B 53 4.64 3.21 10.23
N PHE B 54 3.63 2.38 10.02
CA PHE B 54 2.31 2.86 9.64
C PHE B 54 1.73 3.65 10.82
N ARG B 55 1.96 3.14 12.02
CA ARG B 55 1.49 3.79 13.24
C ARG B 55 2.15 5.15 13.32
N LYS B 56 3.46 5.17 13.11
CA LYS B 56 4.24 6.39 13.14
C LYS B 56 3.73 7.40 12.11
N VAL B 57 3.16 6.89 11.03
CA VAL B 57 2.63 7.77 9.99
C VAL B 57 1.33 8.36 10.51
N ARG B 58 0.54 7.53 11.19
CA ARG B 58 -0.73 7.96 11.76
C ARG B 58 -0.48 9.04 12.81
N PHE B 59 0.42 8.75 13.74
CA PHE B 59 0.77 9.67 14.79
C PHE B 59 1.17 11.03 14.19
N SER B 60 1.71 11.01 12.97
CA SER B 60 2.13 12.24 12.31
C SER B 60 0.93 13.04 11.85
N PHE B 61 -0.25 12.45 11.91
CA PHE B 61 -1.49 13.11 11.52
C PHE B 61 -2.33 13.41 12.74
N GLU B 62 -1.75 13.16 13.92
CA GLU B 62 -2.46 13.36 15.18
C GLU B 62 -2.99 14.77 15.44
N GLN B 63 -2.25 15.78 15.00
CA GLN B 63 -2.68 17.16 15.21
C GLN B 63 -3.36 17.74 13.97
N PRO B 64 -4.68 17.98 14.04
CA PRO B 64 -5.43 18.54 12.91
C PRO B 64 -4.99 19.95 12.56
N ASP B 65 -5.29 20.39 11.33
CA ASP B 65 -4.90 21.72 10.89
C ASP B 65 -5.46 22.08 9.52
N GLY B 66 -6.78 22.28 9.45
CA GLY B 66 -7.40 22.65 8.19
C GLY B 66 -7.57 21.49 7.23
N ARG B 67 -6.45 20.91 6.81
CA ARG B 67 -6.47 19.78 5.89
C ARG B 67 -6.20 18.51 6.71
N ALA B 68 -7.08 18.25 7.67
CA ALA B 68 -6.95 17.10 8.55
C ALA B 68 -7.38 15.78 7.91
N GLN B 69 -6.71 14.71 8.32
CA GLN B 69 -7.00 13.36 7.84
C GLN B 69 -6.28 12.33 8.70
N MET B 70 -6.98 11.25 9.04
CA MET B 70 -6.41 10.21 9.88
C MET B 70 -6.35 8.87 9.16
N PRO B 71 -5.15 8.48 8.70
CA PRO B 71 -4.97 7.21 7.98
C PRO B 71 -5.31 6.04 8.89
N THR B 72 -5.79 4.94 8.30
CA THR B 72 -6.13 3.76 9.07
C THR B 72 -5.64 2.48 8.42
N THR B 73 -5.17 1.55 9.23
CA THR B 73 -4.72 0.28 8.70
C THR B 73 -5.89 -0.66 8.89
N GLU B 74 -6.34 -1.26 7.79
CA GLU B 74 -7.47 -2.17 7.84
C GLU B 74 -7.13 -3.61 7.46
N ARG B 75 -8.05 -4.51 7.78
CA ARG B 75 -7.90 -5.93 7.50
C ARG B 75 -6.49 -6.45 7.72
N VAL B 76 -5.91 -6.10 8.85
CA VAL B 76 -4.56 -6.56 9.16
C VAL B 76 -4.67 -8.01 9.58
N THR B 77 -3.88 -8.86 8.95
CA THR B 77 -3.90 -10.27 9.27
C THR B 77 -2.47 -10.83 9.26
N LEU B 78 -1.51 -9.94 9.49
CA LEU B 78 -0.11 -10.31 9.55
C LEU B 78 0.10 -11.06 10.86
N THR B 79 0.72 -12.24 10.78
CA THR B 79 0.96 -13.05 11.98
C THR B 79 2.29 -12.73 12.65
N ARG B 80 3.19 -12.06 11.92
CA ARG B 80 4.51 -11.71 12.47
C ARG B 80 4.98 -10.35 11.97
N CYS B 81 6.04 -9.83 12.59
CA CYS B 81 6.58 -8.54 12.20
C CYS B 81 7.15 -8.66 10.80
N PHE B 82 7.01 -7.61 10.00
CA PHE B 82 7.52 -7.63 8.62
C PHE B 82 8.61 -6.58 8.44
N TYR B 83 9.86 -6.98 8.67
CA TYR B 83 10.97 -6.06 8.52
C TYR B 83 11.38 -6.02 7.05
N LEU B 84 11.72 -4.83 6.57
CA LEU B 84 12.13 -4.63 5.18
C LEU B 84 13.63 -4.84 5.01
N PHE B 85 14.36 -4.79 6.13
CA PHE B 85 15.81 -4.98 6.11
C PHE B 85 16.45 -4.33 4.90
N PRO B 86 16.21 -3.02 4.70
CA PRO B 86 16.82 -2.36 3.55
C PRO B 86 18.31 -2.62 3.49
N GLY B 87 18.83 -2.77 2.28
CA GLY B 87 20.24 -3.05 2.10
C GLY B 87 20.51 -4.54 2.07
N HIS B 88 19.44 -5.30 2.28
CA HIS B 88 19.51 -6.75 2.30
C HIS B 88 18.38 -7.34 1.48
C1 MNO C . -4.24 22.36 -0.74
C2 MNO C . -4.89 21.09 -0.81
C3 MNO C . -4.36 19.91 -0.21
C4 MNO C . -3.12 19.96 0.51
C5 MNO C . -2.45 21.21 0.59
C6 MNO C . -3.01 22.47 -0.03
C7 MNO C . -2.30 23.71 0.13
C8 MNO C . -1.07 23.74 0.89
C9 MNO C . -0.52 22.54 1.48
C10 MNO C . -1.21 21.29 1.32
C11 MNO C . -6.14 20.98 -1.56
O1 MNO C . -6.84 21.93 -1.90
N1 MNO C . -6.46 19.73 -1.90
C12 MNO C . -7.66 19.40 -2.64
C13 MNO C . -8.00 17.98 -2.20
O2 MNO C . -7.10 17.16 -1.97
C14 MNO C . -7.38 19.40 -4.16
C16 MNO C . -8.68 19.28 -4.94
C17 MNO C . -6.64 20.67 -4.56
N2 MNO C . -9.30 17.67 -2.03
C18 MNO C . -9.68 16.32 -1.60
C19 MNO C . -9.53 15.31 -2.75
O3 MNO C . -9.83 15.61 -3.90
C20 MNO C . -11.13 16.48 -1.17
C21 MNO C . -11.64 17.63 -1.98
C22 MNO C . -10.47 18.55 -2.22
N3 MNO C . -9.03 14.11 -2.38
C24 MNO C . -7.79 12.35 -3.66
C25 MNO C . -7.19 12.77 -4.98
N4 MNO C . -8.02 12.81 -6.08
O5 MNO C . -6.00 13.06 -5.04
C26 MNO C . -9.11 13.04 -3.37
S1 MNO C . -9.27 13.88 -6.49
O4 MNO C . -8.74 15.21 -6.56
O7 MNO C . -10.40 13.66 -5.63
C15 MNO C . -9.94 13.47 -8.12
O6 MNO C . -11.11 11.78 -3.92
C27 MNO C . -10.14 12.00 -2.90
#